data_3QW7
#
_entry.id   3QW7
#
_cell.length_a   49.843
_cell.length_b   66.312
_cell.length_c   64.845
_cell.angle_alpha   90.00
_cell.angle_beta   98.41
_cell.angle_gamma   90.00
#
_symmetry.space_group_name_H-M   'P 1 21 1'
#
loop_
_entity.id
_entity.type
_entity.pdbx_description
1 polymer 'Botulinum neurotoxin type A'
2 polymer 'inhibitory peptide RRFC'
3 non-polymer 'ZINC ION'
4 non-polymer 'SULFATE ION'
5 non-polymer 'SODIUM ION'
6 water water
#
loop_
_entity_poly.entity_id
_entity_poly.type
_entity_poly.pdbx_seq_one_letter_code
_entity_poly.pdbx_strand_id
1 'polypeptide(L)'
;MPFVNKQFNYKDPVNGVDIAYIKIPNAGQMQPVKAFKIHNKIWVIPERDTFTNPEEGDLNPPPEAKQVPVSYYDSTYLST
DNEKDNYLKGVTKLFERIYSTDLGRMLLTSIVRGIPFWGGSTIDTELKVIDTNCINVIQPDGSYRSEELNLVIIGPSADI
IQFECKSFGHEVLNLTRNGYGSTQYIRFSPDFTFGFEESLEVDTNPLLGAGKFATDPAVTLAHELIHAGHRLYGIAINPN
RVFKVNTNAYYEMSGLEVSFEELRTFGGHDAKFIDSLQENEFRLYYYNKFKDIASTLNKAKSIVGTTASLQYMKNVFKEK
YLLSEDTSGKFSVDKLKFDKLYKMLTEIYTEDNFVKFFKVLNRKTYLNFDKAVFKINIVPKVNYTIYDGFNLRNTNLAAN
FNGQNTEINNMNFTKLKNFTGLFEHHHHHH
;
A
2 'polypeptide(L)' RRFC(NH2) B
#
loop_
_chem_comp.id
_chem_comp.type
_chem_comp.name
_chem_comp.formula
NA non-polymer 'SODIUM ION' 'Na 1'
NH2 non-polymer 'AMINO GROUP' 'H2 N'
SO4 non-polymer 'SULFATE ION' 'O4 S -2'
ZN non-polymer 'ZINC ION' 'Zn 2'
#
# COMPACT_ATOMS: atom_id res chain seq x y z
N PRO A 2 11.51 16.30 6.97
CA PRO A 2 11.15 14.86 7.07
C PRO A 2 9.67 14.68 6.80
N PHE A 3 9.30 13.51 6.31
CA PHE A 3 7.90 13.22 6.01
C PHE A 3 7.10 13.12 7.31
N VAL A 4 7.72 12.55 8.32
CA VAL A 4 7.10 12.41 9.63
C VAL A 4 7.80 13.38 10.57
N ASN A 5 7.14 14.49 10.87
CA ASN A 5 7.70 15.53 11.72
C ASN A 5 7.98 15.09 13.16
N LYS A 6 7.19 14.16 13.66
CA LYS A 6 7.36 13.66 15.02
C LYS A 6 7.87 12.23 15.09
N GLN A 7 8.87 12.00 15.94
CA GLN A 7 9.39 10.65 16.11
C GLN A 7 8.65 10.08 17.30
N PHE A 8 7.45 9.59 17.03
CA PHE A 8 6.57 9.00 18.03
C PHE A 8 7.14 7.80 18.79
N ASN A 9 6.71 7.69 20.04
CA ASN A 9 7.08 6.58 20.91
C ASN A 9 5.70 5.97 21.17
N TYR A 10 5.59 4.65 21.13
CA TYR A 10 4.29 4.04 21.33
C TYR A 10 3.64 4.44 22.65
N LYS A 11 4.45 4.63 23.68
CA LYS A 11 3.93 4.98 25.00
C LYS A 11 3.63 6.48 25.20
N ASP A 12 3.82 7.29 24.16
CA ASP A 12 3.52 8.71 24.28
C ASP A 12 2.04 8.87 24.64
N PRO A 13 1.74 9.80 25.56
CA PRO A 13 0.34 10.01 25.96
C PRO A 13 -0.57 10.43 24.81
N VAL A 14 -1.81 9.95 24.82
CA VAL A 14 -2.75 10.31 23.78
C VAL A 14 -3.10 11.79 23.92
N ASN A 15 -3.38 12.44 22.80
CA ASN A 15 -3.73 13.85 22.81
C ASN A 15 -5.02 14.10 22.04
N GLY A 16 -5.58 13.04 21.48
CA GLY A 16 -6.83 13.18 20.74
C GLY A 16 -6.69 13.86 19.38
N VAL A 17 -5.46 14.12 18.95
CA VAL A 17 -5.21 14.75 17.66
C VAL A 17 -4.36 13.84 16.77
N ASP A 18 -3.08 13.70 17.08
CA ASP A 18 -2.25 12.81 16.27
C ASP A 18 -1.80 11.56 17.03
N ILE A 19 -2.21 11.45 18.29
CA ILE A 19 -1.96 10.26 19.10
C ILE A 19 -3.32 10.09 19.76
N ALA A 20 -4.07 9.08 19.33
CA ALA A 20 -5.41 8.89 19.87
C ALA A 20 -5.95 7.49 19.71
N TYR A 21 -7.01 7.21 20.47
CA TYR A 21 -7.69 5.94 20.39
C TYR A 21 -8.76 6.17 19.33
N ILE A 22 -8.85 5.24 18.39
CA ILE A 22 -9.80 5.38 17.30
C ILE A 22 -10.55 4.10 16.99
N LYS A 23 -11.60 4.22 16.19
CA LYS A 23 -12.38 3.09 15.75
C LYS A 23 -12.54 3.25 14.25
N ILE A 24 -12.52 2.14 13.52
CA ILE A 24 -12.65 2.21 12.08
C ILE A 24 -14.04 1.72 11.68
N PRO A 25 -14.56 2.22 10.54
CA PRO A 25 -15.88 1.85 10.03
C PRO A 25 -15.95 0.47 9.40
N ASN A 26 -15.80 -0.57 10.21
CA ASN A 26 -15.84 -1.93 9.71
C ASN A 26 -17.24 -2.54 9.80
N ALA A 27 -18.23 -1.69 10.02
CA ALA A 27 -19.63 -2.13 10.11
C ALA A 27 -19.84 -3.10 11.28
N GLY A 28 -18.80 -3.29 12.09
CA GLY A 28 -18.89 -4.18 13.23
C GLY A 28 -18.47 -3.47 14.50
N GLN A 29 -18.44 -4.21 15.61
CA GLN A 29 -18.04 -3.63 16.89
C GLN A 29 -16.57 -3.90 17.17
N MET A 30 -15.91 -2.95 17.82
CA MET A 30 -14.50 -3.08 18.17
C MET A 30 -14.15 -2.13 19.31
N GLN A 31 -13.13 -2.51 20.09
CA GLN A 31 -12.66 -1.66 21.17
C GLN A 31 -11.70 -0.67 20.51
N PRO A 32 -11.60 0.55 21.05
CA PRO A 32 -10.69 1.54 20.45
C PRO A 32 -9.24 1.06 20.44
N VAL A 33 -8.51 1.45 19.41
CA VAL A 33 -7.11 1.06 19.31
C VAL A 33 -6.27 2.33 19.23
N LYS A 34 -5.08 2.30 19.82
CA LYS A 34 -4.20 3.46 19.81
C LYS A 34 -3.60 3.60 18.42
N ALA A 35 -3.74 4.78 17.85
CA ALA A 35 -3.23 5.07 16.51
C ALA A 35 -2.42 6.35 16.49
N PHE A 36 -1.56 6.47 15.48
CA PHE A 36 -0.69 7.63 15.33
C PHE A 36 -0.79 8.24 13.96
N LYS A 37 -1.01 9.55 13.90
CA LYS A 37 -1.11 10.26 12.63
C LYS A 37 0.29 10.77 12.32
N ILE A 38 0.96 10.11 11.36
CA ILE A 38 2.33 10.48 11.04
C ILE A 38 2.49 11.57 9.97
N HIS A 39 1.40 11.88 9.28
CA HIS A 39 1.44 12.91 8.24
C HIS A 39 -0.01 13.21 7.87
N ASN A 40 -0.24 14.37 7.25
CA ASN A 40 -1.57 14.74 6.84
C ASN A 40 -2.19 13.57 6.05
N LYS A 41 -3.38 13.14 6.45
CA LYS A 41 -4.12 12.04 5.81
C LYS A 41 -3.57 10.63 5.97
N ILE A 42 -2.53 10.45 6.78
CA ILE A 42 -1.91 9.13 6.94
C ILE A 42 -1.74 8.72 8.39
N TRP A 43 -2.30 7.57 8.75
CA TRP A 43 -2.23 7.05 10.11
C TRP A 43 -1.58 5.67 10.16
N VAL A 44 -1.05 5.33 11.33
CA VAL A 44 -0.44 4.03 11.58
C VAL A 44 -1.08 3.41 12.82
N ILE A 45 -1.54 2.17 12.70
CA ILE A 45 -2.15 1.45 13.81
C ILE A 45 -1.25 0.23 14.08
N PRO A 46 -0.44 0.30 15.16
CA PRO A 46 0.46 -0.81 15.51
C PRO A 46 -0.26 -1.98 16.15
N GLU A 47 -1.19 -2.57 15.42
CA GLU A 47 -1.96 -3.71 15.89
C GLU A 47 -2.12 -4.70 14.76
N ARG A 48 -2.30 -5.98 15.10
CA ARG A 48 -2.54 -7.00 14.10
C ARG A 48 -3.93 -6.65 13.58
N ASP A 49 -4.14 -6.74 12.27
CA ASP A 49 -5.44 -6.40 11.71
C ASP A 49 -6.53 -7.45 11.86
N THR A 50 -7.32 -7.31 12.91
CA THR A 50 -8.44 -8.21 13.19
C THR A 50 -9.67 -7.34 13.07
N PHE A 51 -9.53 -6.20 12.39
CA PHE A 51 -10.60 -5.22 12.25
C PHE A 51 -11.25 -5.02 10.89
N THR A 52 -10.45 -4.95 9.83
CA THR A 52 -11.01 -4.71 8.49
C THR A 52 -11.89 -5.82 7.96
N ASN A 53 -11.63 -7.05 8.38
CA ASN A 53 -12.42 -8.19 7.92
C ASN A 53 -12.98 -8.96 9.12
N PRO A 54 -14.31 -9.00 9.26
CA PRO A 54 -14.96 -9.70 10.38
C PRO A 54 -14.66 -11.19 10.42
N GLU A 55 -14.35 -11.76 9.26
CA GLU A 55 -14.05 -13.19 9.18
C GLU A 55 -12.58 -13.46 9.48
N GLU A 56 -11.83 -12.41 9.77
CA GLU A 56 -10.42 -12.53 10.09
C GLU A 56 -10.17 -11.85 11.43
N GLY A 57 -11.14 -11.98 12.34
CA GLY A 57 -11.04 -11.37 13.64
C GLY A 57 -10.24 -12.15 14.65
N ASP A 58 -9.49 -13.15 14.19
CA ASP A 58 -8.68 -13.97 15.09
C ASP A 58 -7.39 -14.41 14.40
N LEU A 59 -6.30 -14.38 15.17
CA LEU A 59 -5.00 -14.78 14.64
C LEU A 59 -4.83 -16.28 14.67
N ASN A 60 -5.95 -16.99 14.80
CA ASN A 60 -5.95 -18.44 14.81
C ASN A 60 -5.73 -18.95 13.39
N PRO A 61 -4.68 -19.76 13.18
CA PRO A 61 -4.41 -20.29 11.84
C PRO A 61 -5.25 -21.53 11.52
N PRO A 62 -5.84 -21.59 10.32
CA PRO A 62 -6.65 -22.74 9.92
C PRO A 62 -5.85 -24.03 10.08
N PRO A 63 -6.52 -25.20 10.02
CA PRO A 63 -5.88 -26.51 10.15
C PRO A 63 -4.38 -26.53 10.49
N GLU A 64 -3.58 -27.17 9.65
CA GLU A 64 -2.15 -27.26 9.90
C GLU A 64 -1.41 -27.62 8.60
N ALA A 65 -2.08 -27.40 7.48
CA ALA A 65 -1.54 -27.69 6.15
C ALA A 65 -2.55 -27.18 5.14
N LYS A 66 -3.54 -26.46 5.64
CA LYS A 66 -4.61 -25.91 4.82
C LYS A 66 -4.21 -24.65 4.04
N GLN A 67 -3.19 -23.94 4.51
CA GLN A 67 -2.78 -22.72 3.84
C GLN A 67 -1.56 -22.80 2.91
N VAL A 68 -1.47 -21.80 2.04
CA VAL A 68 -0.40 -21.67 1.06
C VAL A 68 1.01 -21.81 1.61
N PRO A 69 1.96 -22.23 0.75
CA PRO A 69 3.37 -22.42 1.12
C PRO A 69 3.96 -21.13 1.68
N VAL A 70 3.75 -20.03 0.97
CA VAL A 70 4.25 -18.74 1.40
C VAL A 70 3.27 -18.10 2.37
N SER A 71 3.48 -18.41 3.65
CA SER A 71 2.66 -17.89 4.74
C SER A 71 3.47 -18.11 6.00
N TYR A 72 3.21 -17.32 7.02
CA TYR A 72 3.93 -17.45 8.28
C TYR A 72 3.01 -17.02 9.40
N TYR A 73 2.86 -17.89 10.39
CA TYR A 73 1.99 -17.59 11.52
C TYR A 73 2.71 -17.49 12.86
N ASP A 74 2.24 -16.57 13.68
CA ASP A 74 2.74 -16.34 15.04
C ASP A 74 1.74 -15.40 15.70
N SER A 75 0.76 -15.99 16.38
CA SER A 75 -0.29 -15.23 17.04
C SER A 75 0.22 -14.25 18.07
N THR A 76 1.48 -14.38 18.50
CA THR A 76 2.02 -13.48 19.51
C THR A 76 2.72 -12.26 18.95
N TYR A 77 2.98 -12.26 17.64
CA TYR A 77 3.66 -11.11 17.04
C TYR A 77 2.85 -9.83 17.15
N LEU A 78 3.52 -8.76 17.56
CA LEU A 78 2.94 -7.44 17.70
C LEU A 78 1.86 -7.39 18.79
N SER A 79 2.13 -8.05 19.92
CA SER A 79 1.19 -8.07 21.02
C SER A 79 1.72 -7.30 22.24
N THR A 80 2.99 -6.89 22.18
CA THR A 80 3.58 -6.17 23.32
C THR A 80 3.88 -4.71 22.97
N ASP A 81 4.02 -3.87 23.99
CA ASP A 81 4.31 -2.46 23.79
C ASP A 81 5.65 -2.24 23.08
N ASN A 82 6.68 -3.00 23.44
CA ASN A 82 7.98 -2.82 22.81
C ASN A 82 7.89 -3.14 21.32
N GLU A 83 7.13 -4.17 20.98
CA GLU A 83 6.96 -4.54 19.57
C GLU A 83 6.25 -3.44 18.82
N LYS A 84 5.20 -2.88 19.43
CA LYS A 84 4.44 -1.83 18.79
C LYS A 84 5.27 -0.57 18.63
N ASP A 85 6.14 -0.31 19.60
CA ASP A 85 7.02 0.86 19.55
C ASP A 85 7.97 0.68 18.35
N ASN A 86 8.55 -0.51 18.24
CA ASN A 86 9.48 -0.79 17.14
C ASN A 86 8.76 -0.83 15.80
N TYR A 87 7.51 -1.27 15.80
CA TYR A 87 6.72 -1.34 14.57
C TYR A 87 6.52 0.09 14.07
N LEU A 88 6.16 0.98 15.00
CA LEU A 88 5.92 2.38 14.67
C LEU A 88 7.19 3.05 14.12
N LYS A 89 8.31 2.84 14.80
CA LYS A 89 9.58 3.40 14.36
C LYS A 89 10.04 2.82 13.02
N GLY A 90 9.76 1.53 12.81
CA GLY A 90 10.14 0.88 11.57
C GLY A 90 9.33 1.40 10.40
N VAL A 91 8.02 1.50 10.57
CA VAL A 91 7.17 2.01 9.51
C VAL A 91 7.54 3.47 9.19
N THR A 92 7.80 4.25 10.23
CA THR A 92 8.18 5.65 10.05
C THR A 92 9.47 5.74 9.26
N LYS A 93 10.44 4.91 9.62
CA LYS A 93 11.73 4.92 8.93
C LYS A 93 11.58 4.61 7.45
N LEU A 94 10.70 3.66 7.13
CA LEU A 94 10.49 3.30 5.73
C LEU A 94 9.83 4.44 4.96
N PHE A 95 8.93 5.17 5.60
CA PHE A 95 8.30 6.31 4.90
C PHE A 95 9.37 7.35 4.59
N GLU A 96 10.30 7.57 5.52
CA GLU A 96 11.37 8.54 5.30
C GLU A 96 12.28 8.06 4.18
N ARG A 97 12.58 6.77 4.16
CA ARG A 97 13.44 6.21 3.11
C ARG A 97 12.79 6.44 1.76
N ILE A 98 11.49 6.16 1.68
CA ILE A 98 10.76 6.36 0.44
C ILE A 98 10.73 7.85 0.09
N TYR A 99 10.41 8.69 1.07
CA TYR A 99 10.34 10.13 0.85
C TYR A 99 11.68 10.77 0.49
N SER A 100 12.79 10.12 0.83
CA SER A 100 14.11 10.67 0.52
C SER A 100 14.48 10.58 -0.95
N THR A 101 13.67 9.87 -1.73
CA THR A 101 13.91 9.73 -3.17
C THR A 101 12.91 10.60 -3.92
N ASP A 102 13.27 11.08 -5.10
CA ASP A 102 12.34 11.92 -5.84
C ASP A 102 11.08 11.15 -6.19
N LEU A 103 11.25 9.88 -6.58
CA LEU A 103 10.11 9.06 -6.93
C LEU A 103 9.16 8.86 -5.75
N GLY A 104 9.75 8.63 -4.57
CA GLY A 104 8.97 8.45 -3.36
C GLY A 104 8.23 9.72 -2.99
N ARG A 105 8.89 10.86 -3.13
CA ARG A 105 8.26 12.14 -2.82
C ARG A 105 7.07 12.34 -3.76
N MET A 106 7.26 12.00 -5.03
CA MET A 106 6.19 12.15 -6.01
C MET A 106 5.01 11.26 -5.64
N LEU A 107 5.29 10.00 -5.33
CA LEU A 107 4.23 9.05 -4.97
C LEU A 107 3.49 9.46 -3.71
N LEU A 108 4.21 9.82 -2.66
CA LEU A 108 3.56 10.21 -1.41
C LEU A 108 2.74 11.48 -1.61
N THR A 109 3.21 12.40 -2.45
CA THR A 109 2.46 13.61 -2.71
C THR A 109 1.14 13.24 -3.41
N SER A 110 1.21 12.34 -4.38
CA SER A 110 0.01 11.90 -5.09
C SER A 110 -0.97 11.23 -4.12
N ILE A 111 -0.44 10.45 -3.18
CA ILE A 111 -1.29 9.77 -2.21
C ILE A 111 -1.99 10.76 -1.30
N VAL A 112 -1.27 11.76 -0.80
CA VAL A 112 -1.88 12.75 0.09
C VAL A 112 -2.95 13.57 -0.64
N ARG A 113 -2.72 13.84 -1.92
CA ARG A 113 -3.67 14.62 -2.71
C ARG A 113 -4.85 13.75 -3.14
N GLY A 114 -4.68 12.44 -3.04
CA GLY A 114 -5.71 11.51 -3.47
C GLY A 114 -6.87 11.26 -2.55
N ILE A 115 -7.47 12.33 -2.04
CA ILE A 115 -8.61 12.22 -1.13
C ILE A 115 -9.78 11.47 -1.77
N PRO A 116 -10.33 10.46 -1.07
CA PRO A 116 -11.46 9.70 -1.62
C PRO A 116 -12.58 10.65 -2.00
N PHE A 117 -13.13 10.47 -3.18
CA PHE A 117 -14.19 11.34 -3.65
C PHE A 117 -15.41 11.38 -2.74
N TRP A 118 -16.04 12.55 -2.67
CA TRP A 118 -17.23 12.74 -1.86
C TRP A 118 -18.42 12.32 -2.71
N GLY A 119 -18.64 11.01 -2.82
CA GLY A 119 -19.75 10.52 -3.62
C GLY A 119 -20.81 9.81 -2.80
N GLY A 120 -20.99 10.25 -1.56
CA GLY A 120 -21.96 9.62 -0.68
C GLY A 120 -23.38 10.14 -0.78
N SER A 121 -23.58 11.23 -1.53
CA SER A 121 -24.91 11.81 -1.67
C SER A 121 -25.77 11.06 -2.68
N THR A 122 -27.06 10.94 -2.36
CA THR A 122 -28.02 10.28 -3.24
C THR A 122 -28.76 11.38 -4.01
N ILE A 123 -28.42 12.62 -3.69
CA ILE A 123 -29.01 13.79 -4.33
C ILE A 123 -27.91 14.48 -5.14
N ASP A 124 -28.02 14.42 -6.47
CA ASP A 124 -27.01 15.00 -7.35
C ASP A 124 -26.71 16.49 -7.15
N THR A 125 -27.58 17.21 -6.45
CA THR A 125 -27.34 18.63 -6.22
C THR A 125 -26.53 18.89 -4.95
N GLU A 126 -26.16 17.82 -4.24
CA GLU A 126 -25.39 17.97 -3.02
C GLU A 126 -24.15 17.07 -2.99
N LEU A 127 -23.06 17.60 -2.47
CA LEU A 127 -21.80 16.86 -2.36
C LEU A 127 -21.66 16.32 -0.93
N LYS A 128 -21.54 15.00 -0.80
CA LYS A 128 -21.43 14.39 0.51
C LYS A 128 -20.31 13.36 0.62
N VAL A 129 -19.68 13.31 1.79
CA VAL A 129 -18.58 12.38 2.06
C VAL A 129 -19.11 10.97 2.27
N ILE A 130 -18.24 9.98 2.11
CA ILE A 130 -18.60 8.58 2.33
C ILE A 130 -17.94 8.23 3.67
N ASP A 131 -18.76 7.95 4.67
CA ASP A 131 -18.26 7.64 6.01
C ASP A 131 -17.22 6.53 6.16
N THR A 132 -17.17 5.59 5.23
CA THR A 132 -16.19 4.51 5.36
C THR A 132 -14.80 4.98 4.93
N ASN A 133 -14.70 6.24 4.53
CA ASN A 133 -13.43 6.83 4.14
C ASN A 133 -12.98 7.71 5.32
N CYS A 134 -13.50 7.41 6.50
CA CYS A 134 -13.17 8.17 7.70
C CYS A 134 -12.90 7.19 8.85
N ILE A 135 -12.42 7.73 9.95
CA ILE A 135 -12.21 6.96 11.16
C ILE A 135 -12.80 7.83 12.26
N ASN A 136 -13.17 7.22 13.38
CA ASN A 136 -13.73 7.96 14.48
C ASN A 136 -12.66 8.13 15.53
N VAL A 137 -12.29 9.38 15.78
CA VAL A 137 -11.24 9.70 16.73
C VAL A 137 -11.81 10.12 18.08
N ILE A 138 -11.32 9.51 19.15
CA ILE A 138 -11.79 9.89 20.48
C ILE A 138 -11.09 11.18 20.89
N GLN A 139 -11.90 12.21 21.14
CA GLN A 139 -11.38 13.52 21.53
C GLN A 139 -11.07 13.55 23.02
N PRO A 140 -10.38 14.60 23.48
CA PRO A 140 -10.04 14.71 24.90
C PRO A 140 -11.23 14.63 25.86
N ASP A 141 -12.41 14.99 25.37
CA ASP A 141 -13.60 14.96 26.22
C ASP A 141 -14.32 13.62 26.14
N GLY A 142 -13.71 12.66 25.46
CA GLY A 142 -14.29 11.34 25.34
C GLY A 142 -15.26 11.14 24.19
N SER A 143 -15.61 12.22 23.50
CA SER A 143 -16.53 12.12 22.38
C SER A 143 -15.78 11.78 21.11
N TYR A 144 -16.49 11.25 20.13
CA TYR A 144 -15.90 10.87 18.86
C TYR A 144 -16.07 11.95 17.81
N ARG A 145 -15.04 12.13 16.98
CA ARG A 145 -15.11 13.08 15.88
C ARG A 145 -14.68 12.31 14.64
N SER A 146 -15.38 12.55 13.54
CA SER A 146 -15.09 11.88 12.28
C SER A 146 -13.98 12.59 11.54
N GLU A 147 -12.96 11.85 11.12
CA GLU A 147 -11.85 12.42 10.39
C GLU A 147 -11.60 11.64 9.11
N GLU A 148 -11.57 12.36 7.99
CA GLU A 148 -11.31 11.74 6.69
C GLU A 148 -9.82 11.46 6.63
N LEU A 149 -9.44 10.35 6.02
CA LEU A 149 -8.03 10.01 5.87
C LEU A 149 -7.87 9.22 4.58
N ASN A 150 -6.65 9.14 4.07
CA ASN A 150 -6.40 8.43 2.82
C ASN A 150 -5.72 7.08 3.03
N LEU A 151 -4.86 7.02 4.03
CA LEU A 151 -4.09 5.81 4.24
C LEU A 151 -3.87 5.43 5.69
N VAL A 152 -3.90 4.13 5.95
CA VAL A 152 -3.65 3.59 7.27
C VAL A 152 -2.71 2.43 7.09
N ILE A 153 -1.62 2.40 7.86
CA ILE A 153 -0.71 1.27 7.79
C ILE A 153 -1.06 0.51 9.06
N ILE A 154 -1.40 -0.77 8.93
CA ILE A 154 -1.78 -1.58 10.06
C ILE A 154 -1.00 -2.90 10.02
N GLY A 155 -0.86 -3.55 11.17
CA GLY A 155 -0.15 -4.81 11.20
C GLY A 155 -0.91 -5.88 10.45
N PRO A 156 -0.23 -6.97 10.07
CA PRO A 156 -0.89 -8.05 9.33
C PRO A 156 -1.92 -8.81 10.16
N SER A 157 -2.76 -9.56 9.48
CA SER A 157 -3.77 -10.37 10.15
C SER A 157 -3.11 -11.70 10.52
N ALA A 158 -3.85 -12.80 10.45
CA ALA A 158 -3.31 -14.12 10.81
C ALA A 158 -2.00 -14.46 10.11
N ASP A 159 -1.99 -14.37 8.78
CA ASP A 159 -0.78 -14.65 8.01
C ASP A 159 0.08 -13.39 8.06
N ILE A 160 1.15 -13.45 8.85
CA ILE A 160 2.04 -12.32 9.04
C ILE A 160 2.65 -11.73 7.78
N ILE A 161 2.95 -12.57 6.79
CA ILE A 161 3.53 -12.07 5.57
C ILE A 161 2.56 -11.82 4.42
N GLN A 162 1.27 -11.79 4.72
CA GLN A 162 0.25 -11.51 3.70
C GLN A 162 0.00 -10.02 3.67
N PHE A 163 0.92 -9.28 3.05
CA PHE A 163 0.79 -7.83 2.97
C PHE A 163 -0.16 -7.53 1.81
N GLU A 164 -1.03 -6.54 1.98
CA GLU A 164 -1.98 -6.19 0.94
C GLU A 164 -2.77 -4.95 1.32
N CYS A 165 -3.44 -4.37 0.34
CA CYS A 165 -4.29 -3.20 0.57
C CYS A 165 -5.72 -3.70 0.79
N LYS A 166 -6.35 -3.20 1.84
CA LYS A 166 -7.72 -3.55 2.16
C LYS A 166 -8.47 -2.23 2.23
N SER A 167 -9.75 -2.23 1.84
CA SER A 167 -10.54 -1.02 1.92
C SER A 167 -12.01 -1.40 2.00
N PHE A 168 -12.80 -0.53 2.61
CA PHE A 168 -14.22 -0.79 2.77
C PHE A 168 -14.97 -0.46 1.50
N GLY A 169 -15.85 -1.38 1.10
CA GLY A 169 -16.61 -1.19 -0.11
C GLY A 169 -17.92 -0.47 0.05
N HIS A 170 -18.62 -0.31 -1.06
CA HIS A 170 -19.91 0.36 -1.09
C HIS A 170 -20.93 -0.65 -1.57
N GLU A 171 -22.19 -0.45 -1.20
CA GLU A 171 -23.26 -1.36 -1.59
C GLU A 171 -23.43 -1.50 -3.11
N VAL A 172 -23.10 -0.45 -3.86
CA VAL A 172 -23.24 -0.52 -5.31
C VAL A 172 -22.05 0.06 -6.08
N LEU A 173 -21.28 0.93 -5.43
CA LEU A 173 -20.14 1.56 -6.08
C LEU A 173 -18.84 0.79 -5.88
N ASN A 174 -18.05 0.66 -6.95
CA ASN A 174 -16.75 -0.01 -6.87
C ASN A 174 -15.76 1.13 -6.75
N LEU A 175 -15.60 1.62 -5.52
CA LEU A 175 -14.74 2.75 -5.21
C LEU A 175 -13.29 2.68 -5.70
N THR A 176 -12.69 1.50 -5.74
CA THR A 176 -11.31 1.41 -6.19
C THR A 176 -11.19 1.32 -7.72
N ARG A 177 -12.33 1.23 -8.40
CA ARG A 177 -12.31 1.11 -9.86
C ARG A 177 -13.29 2.03 -10.60
N ASN A 178 -13.89 2.98 -9.90
CA ASN A 178 -14.83 3.89 -10.53
C ASN A 178 -14.36 5.33 -10.47
N GLY A 179 -13.06 5.52 -10.23
CA GLY A 179 -12.50 6.85 -10.17
C GLY A 179 -12.65 7.56 -8.83
N TYR A 180 -13.53 7.07 -7.96
CA TYR A 180 -13.75 7.71 -6.66
C TYR A 180 -12.60 7.56 -5.67
N GLY A 181 -12.19 6.32 -5.45
CA GLY A 181 -11.14 6.06 -4.49
C GLY A 181 -11.73 5.79 -3.14
N SER A 182 -10.96 5.15 -2.27
CA SER A 182 -11.40 4.82 -0.92
C SER A 182 -10.19 4.77 -0.01
N THR A 183 -10.41 4.96 1.29
CA THR A 183 -9.34 4.92 2.26
C THR A 183 -8.70 3.53 2.22
N GLN A 184 -7.38 3.51 2.10
CA GLN A 184 -6.66 2.26 2.01
C GLN A 184 -5.98 1.85 3.31
N TYR A 185 -6.19 0.59 3.70
CA TYR A 185 -5.58 0.01 4.89
C TYR A 185 -4.56 -0.98 4.39
N ILE A 186 -3.29 -0.68 4.59
CA ILE A 186 -2.24 -1.58 4.13
C ILE A 186 -1.77 -2.47 5.26
N ARG A 187 -1.99 -3.77 5.10
CA ARG A 187 -1.51 -4.75 6.08
C ARG A 187 -0.03 -4.86 5.73
N PHE A 188 0.83 -4.57 6.70
CA PHE A 188 2.26 -4.57 6.45
C PHE A 188 3.07 -4.69 7.74
N SER A 189 4.26 -5.25 7.63
CA SER A 189 5.15 -5.36 8.78
C SER A 189 6.57 -5.06 8.36
N PRO A 190 7.27 -4.18 9.10
CA PRO A 190 8.66 -3.85 8.78
C PRO A 190 9.60 -4.81 9.51
N ASP A 191 9.01 -5.76 10.24
CA ASP A 191 9.79 -6.70 11.04
C ASP A 191 10.18 -8.02 10.41
N PHE A 192 9.81 -8.20 9.14
CA PHE A 192 10.11 -9.42 8.40
C PHE A 192 10.39 -9.01 6.97
N THR A 193 11.09 -9.88 6.24
CA THR A 193 11.32 -9.62 4.83
C THR A 193 11.53 -10.95 4.12
N PHE A 194 11.55 -10.89 2.79
CA PHE A 194 11.68 -12.09 1.97
C PHE A 194 13.05 -12.31 1.41
N GLY A 195 13.36 -13.58 1.15
CA GLY A 195 14.63 -13.96 0.57
C GLY A 195 14.43 -14.34 -0.88
N PHE A 196 15.31 -13.83 -1.75
CA PHE A 196 15.23 -14.13 -3.17
C PHE A 196 16.61 -14.49 -3.69
N GLU A 197 16.68 -14.92 -4.95
CA GLU A 197 17.95 -15.32 -5.53
C GLU A 197 18.45 -14.38 -6.62
N GLU A 198 19.77 -14.24 -6.67
CA GLU A 198 20.46 -13.37 -7.61
C GLU A 198 20.36 -13.81 -9.07
N SER A 199 20.28 -15.12 -9.29
CA SER A 199 20.16 -15.67 -10.64
C SER A 199 18.71 -15.76 -11.05
N LEU A 200 18.36 -15.21 -12.21
CA LEU A 200 16.97 -15.25 -12.67
C LEU A 200 16.44 -16.67 -12.85
N GLU A 201 17.23 -17.54 -13.45
CA GLU A 201 16.77 -18.90 -13.67
C GLU A 201 16.59 -19.66 -12.35
N VAL A 202 17.27 -19.22 -11.30
CA VAL A 202 17.12 -19.86 -9.99
C VAL A 202 15.92 -19.21 -9.27
N ASP A 203 15.85 -17.89 -9.33
CA ASP A 203 14.77 -17.19 -8.64
C ASP A 203 13.38 -17.55 -9.15
N THR A 204 13.28 -17.84 -10.45
CA THR A 204 11.99 -18.17 -11.04
C THR A 204 11.70 -19.68 -11.08
N ASN A 205 12.50 -20.44 -10.34
CA ASN A 205 12.32 -21.88 -10.26
C ASN A 205 11.88 -22.22 -8.83
N PRO A 206 10.76 -22.94 -8.67
CA PRO A 206 10.24 -23.30 -7.35
C PRO A 206 11.01 -24.36 -6.58
N LEU A 207 12.00 -24.98 -7.22
CA LEU A 207 12.76 -26.04 -6.58
C LEU A 207 14.17 -25.63 -6.19
N LEU A 208 14.57 -24.42 -6.56
CA LEU A 208 15.94 -23.96 -6.29
C LEU A 208 16.08 -22.69 -5.48
N GLY A 209 17.18 -22.60 -4.73
CA GLY A 209 17.45 -21.40 -3.96
C GLY A 209 16.98 -21.39 -2.53
N ALA A 210 17.85 -20.89 -1.64
CA ALA A 210 17.55 -20.81 -0.21
C ALA A 210 17.17 -19.39 0.19
N GLY A 211 17.40 -18.43 -0.70
CA GLY A 211 17.09 -17.04 -0.41
C GLY A 211 18.31 -16.30 0.14
N LYS A 212 19.36 -16.23 -0.68
CA LYS A 212 20.60 -15.57 -0.28
C LYS A 212 20.47 -14.06 -0.04
N PHE A 213 19.66 -13.39 -0.84
CA PHE A 213 19.49 -11.94 -0.69
C PHE A 213 18.16 -11.57 -0.06
N ALA A 214 18.18 -10.53 0.77
CA ALA A 214 16.97 -10.06 1.42
C ALA A 214 16.37 -8.85 0.70
N THR A 215 15.06 -8.88 0.53
CA THR A 215 14.35 -7.78 -0.09
C THR A 215 14.39 -6.59 0.86
N ASP A 216 14.65 -5.40 0.33
CA ASP A 216 14.65 -4.21 1.17
C ASP A 216 13.18 -3.93 1.47
N PRO A 217 12.79 -3.90 2.76
CA PRO A 217 11.37 -3.65 3.06
C PRO A 217 10.79 -2.33 2.55
N ALA A 218 11.66 -1.38 2.19
CA ALA A 218 11.17 -0.10 1.66
C ALA A 218 10.53 -0.35 0.29
N VAL A 219 11.06 -1.32 -0.45
CA VAL A 219 10.50 -1.66 -1.75
C VAL A 219 9.16 -2.36 -1.55
N THR A 220 9.11 -3.25 -0.56
CA THR A 220 7.88 -3.99 -0.26
C THR A 220 6.77 -3.03 0.13
N LEU A 221 7.10 -2.03 0.94
CA LEU A 221 6.10 -1.05 1.34
C LEU A 221 5.71 -0.20 0.12
N ALA A 222 6.70 0.18 -0.68
CA ALA A 222 6.45 0.98 -1.87
C ALA A 222 5.47 0.26 -2.80
N HIS A 223 5.61 -1.05 -2.91
CA HIS A 223 4.73 -1.86 -3.76
C HIS A 223 3.29 -1.65 -3.31
N GLU A 224 3.05 -1.75 -2.01
CA GLU A 224 1.70 -1.56 -1.50
C GLU A 224 1.24 -0.11 -1.66
N LEU A 225 2.15 0.85 -1.51
CA LEU A 225 1.78 2.25 -1.66
C LEU A 225 1.37 2.53 -3.11
N ILE A 226 1.97 1.80 -4.05
CA ILE A 226 1.64 1.96 -5.46
C ILE A 226 0.22 1.44 -5.68
N HIS A 227 -0.09 0.29 -5.10
CA HIS A 227 -1.45 -0.24 -5.20
C HIS A 227 -2.40 0.77 -4.56
N ALA A 228 -2.02 1.30 -3.40
CA ALA A 228 -2.86 2.26 -2.69
C ALA A 228 -3.14 3.46 -3.58
N GLY A 229 -2.13 3.90 -4.30
CA GLY A 229 -2.30 5.02 -5.20
C GLY A 229 -3.33 4.72 -6.28
N HIS A 230 -3.28 3.52 -6.86
CA HIS A 230 -4.26 3.17 -7.90
C HIS A 230 -5.66 3.17 -7.28
N ARG A 231 -5.78 2.58 -6.09
CA ARG A 231 -7.06 2.49 -5.41
C ARG A 231 -7.62 3.82 -4.94
N LEU A 232 -6.74 4.72 -4.50
CA LEU A 232 -7.17 6.05 -4.04
C LEU A 232 -7.68 6.90 -5.20
N TYR A 233 -7.19 6.63 -6.41
CA TYR A 233 -7.64 7.37 -7.59
C TYR A 233 -8.69 6.58 -8.35
N GLY A 234 -9.12 5.46 -7.74
CA GLY A 234 -10.13 4.61 -8.33
C GLY A 234 -9.80 4.04 -9.70
N ILE A 235 -8.53 3.75 -9.94
CA ILE A 235 -8.14 3.20 -11.24
C ILE A 235 -7.50 1.82 -11.14
N ALA A 236 -7.75 1.11 -10.05
CA ALA A 236 -7.20 -0.23 -9.88
C ALA A 236 -7.84 -1.12 -10.94
N ILE A 237 -7.08 -2.07 -11.48
CA ILE A 237 -7.61 -2.98 -12.50
C ILE A 237 -8.32 -4.13 -11.80
N ASN A 238 -9.53 -4.43 -12.24
CA ASN A 238 -10.32 -5.50 -11.66
C ASN A 238 -9.45 -6.76 -11.55
N PRO A 239 -9.41 -7.39 -10.37
CA PRO A 239 -8.60 -8.60 -10.20
C PRO A 239 -9.01 -9.76 -11.11
N ASN A 240 -10.18 -9.65 -11.72
CA ASN A 240 -10.65 -10.71 -12.61
C ASN A 240 -9.93 -10.65 -13.96
N ARG A 241 -9.24 -9.54 -14.21
CA ARG A 241 -8.49 -9.39 -15.45
C ARG A 241 -7.08 -9.89 -15.16
N VAL A 242 -6.74 -11.05 -15.72
CA VAL A 242 -5.45 -11.66 -15.44
C VAL A 242 -4.64 -12.11 -16.64
N PHE A 243 -3.36 -12.38 -16.37
CA PHE A 243 -2.44 -12.87 -17.38
C PHE A 243 -2.30 -14.36 -17.11
N LYS A 244 -2.70 -15.16 -18.10
CA LYS A 244 -2.59 -16.61 -17.99
C LYS A 244 -1.12 -16.85 -18.31
N VAL A 245 -0.28 -16.76 -17.28
CA VAL A 245 1.16 -16.91 -17.43
C VAL A 245 1.59 -18.03 -18.37
N ASN A 246 2.30 -17.64 -19.43
CA ASN A 246 2.78 -18.59 -20.43
C ASN A 246 4.26 -18.35 -20.69
N THR A 247 4.95 -17.78 -19.70
CA THR A 247 6.37 -17.49 -19.83
C THR A 247 7.20 -18.21 -18.78
N ASN A 248 6.54 -19.05 -17.98
CA ASN A 248 7.21 -19.83 -16.93
C ASN A 248 6.48 -21.17 -16.87
N ALA A 249 7.18 -22.23 -17.24
CA ALA A 249 6.59 -23.56 -17.23
C ALA A 249 6.00 -23.98 -15.90
N TYR A 250 6.61 -23.54 -14.80
CA TYR A 250 6.11 -23.91 -13.48
C TYR A 250 4.76 -23.23 -13.21
N TYR A 251 4.60 -22.02 -13.72
CA TYR A 251 3.34 -21.31 -13.56
C TYR A 251 2.33 -21.97 -14.52
N GLU A 252 2.74 -22.13 -15.77
CA GLU A 252 1.91 -22.69 -16.81
C GLU A 252 1.30 -24.05 -16.44
N MET A 253 2.13 -25.03 -16.09
CA MET A 253 1.65 -26.37 -15.76
C MET A 253 0.62 -26.37 -14.64
N SER A 254 0.56 -25.30 -13.86
CA SER A 254 -0.40 -25.22 -12.76
C SER A 254 -1.51 -24.22 -13.07
N GLY A 255 -1.51 -23.72 -14.30
CA GLY A 255 -2.52 -22.76 -14.72
C GLY A 255 -2.57 -21.51 -13.87
N LEU A 256 -1.42 -21.11 -13.32
CA LEU A 256 -1.38 -19.93 -12.46
C LEU A 256 -1.67 -18.66 -13.27
N GLU A 257 -2.53 -17.81 -12.71
CA GLU A 257 -2.92 -16.56 -13.35
C GLU A 257 -2.58 -15.40 -12.43
N VAL A 258 -1.93 -14.38 -12.98
CA VAL A 258 -1.54 -13.19 -12.21
C VAL A 258 -2.32 -11.98 -12.73
N SER A 259 -2.89 -11.21 -11.82
CA SER A 259 -3.68 -10.04 -12.21
C SER A 259 -2.86 -8.97 -12.90
N PHE A 260 -3.48 -8.26 -13.84
CA PHE A 260 -2.80 -7.19 -14.55
C PHE A 260 -2.42 -6.11 -13.55
N GLU A 261 -3.25 -5.94 -12.51
CA GLU A 261 -3.00 -4.94 -11.48
C GLU A 261 -1.62 -5.20 -10.87
N GLU A 262 -1.28 -6.47 -10.65
CA GLU A 262 0.04 -6.79 -10.07
C GLU A 262 1.17 -6.56 -11.06
N LEU A 263 0.95 -6.94 -12.32
CA LEU A 263 1.98 -6.76 -13.33
C LEU A 263 2.25 -5.29 -13.57
N ARG A 264 1.18 -4.48 -13.51
CA ARG A 264 1.29 -3.04 -13.70
C ARG A 264 2.11 -2.45 -12.56
N THR A 265 1.78 -2.88 -11.34
CA THR A 265 2.44 -2.40 -10.14
C THR A 265 3.92 -2.73 -10.12
N PHE A 266 4.29 -3.94 -10.56
CA PHE A 266 5.71 -4.27 -10.57
C PHE A 266 6.40 -3.42 -11.64
N GLY A 267 5.77 -3.37 -12.82
CA GLY A 267 6.34 -2.58 -13.90
C GLY A 267 7.39 -3.31 -14.71
N GLY A 268 8.35 -2.56 -15.22
CA GLY A 268 9.42 -3.15 -16.02
C GLY A 268 8.88 -4.03 -17.13
N HIS A 269 9.52 -5.17 -17.35
CA HIS A 269 9.10 -6.09 -18.39
C HIS A 269 7.74 -6.74 -18.10
N ASP A 270 7.43 -6.88 -16.83
CA ASP A 270 6.16 -7.50 -16.42
C ASP A 270 4.94 -6.76 -16.97
N ALA A 271 5.02 -5.43 -17.00
CA ALA A 271 3.91 -4.62 -17.48
C ALA A 271 3.61 -4.84 -18.95
N LYS A 272 4.58 -5.36 -19.69
CA LYS A 272 4.42 -5.60 -21.11
C LYS A 272 3.52 -6.80 -21.44
N PHE A 273 3.24 -7.62 -20.43
CA PHE A 273 2.38 -8.77 -20.66
C PHE A 273 0.94 -8.33 -20.88
N ILE A 274 0.62 -7.11 -20.46
CA ILE A 274 -0.71 -6.55 -20.66
C ILE A 274 -0.69 -5.99 -22.08
N ASP A 275 -1.44 -6.62 -22.99
CA ASP A 275 -1.46 -6.16 -24.39
C ASP A 275 -2.06 -4.77 -24.59
N SER A 276 -1.75 -4.18 -25.73
CA SER A 276 -2.23 -2.85 -26.10
C SER A 276 -3.75 -2.72 -26.08
N LEU A 277 -4.43 -3.72 -26.61
CA LEU A 277 -5.89 -3.71 -26.67
C LEU A 277 -6.53 -3.52 -25.29
N GLN A 278 -6.12 -4.34 -24.33
CA GLN A 278 -6.67 -4.24 -22.98
C GLN A 278 -6.16 -3.01 -22.27
N GLU A 279 -4.91 -2.63 -22.55
CA GLU A 279 -4.37 -1.41 -21.96
C GLU A 279 -5.18 -0.17 -22.36
N ASN A 280 -5.56 -0.11 -23.64
CA ASN A 280 -6.35 1.01 -24.14
C ASN A 280 -7.76 0.97 -23.59
N GLU A 281 -8.31 -0.23 -23.46
CA GLU A 281 -9.66 -0.40 -22.94
C GLU A 281 -9.72 0.17 -21.52
N PHE A 282 -8.71 -0.16 -20.71
CA PHE A 282 -8.67 0.33 -19.33
C PHE A 282 -8.56 1.85 -19.29
N ARG A 283 -7.64 2.40 -20.08
CA ARG A 283 -7.44 3.84 -20.11
C ARG A 283 -8.74 4.58 -20.44
N LEU A 284 -9.43 4.12 -21.48
CA LEU A 284 -10.69 4.74 -21.86
C LEU A 284 -11.73 4.62 -20.75
N TYR A 285 -11.79 3.43 -20.15
CA TYR A 285 -12.72 3.17 -19.05
C TYR A 285 -12.54 4.14 -17.89
N TYR A 286 -11.30 4.34 -17.47
CA TYR A 286 -11.03 5.24 -16.36
C TYR A 286 -11.18 6.70 -16.77
N TYR A 287 -10.98 6.99 -18.05
CA TYR A 287 -11.13 8.35 -18.55
C TYR A 287 -12.60 8.72 -18.36
N ASN A 288 -13.48 7.78 -18.68
CA ASN A 288 -14.92 8.00 -18.54
C ASN A 288 -15.30 8.18 -17.08
N LYS A 289 -14.63 7.44 -16.20
CA LYS A 289 -14.90 7.54 -14.77
C LYS A 289 -14.55 8.95 -14.28
N PHE A 290 -13.44 9.50 -14.78
CA PHE A 290 -13.03 10.84 -14.39
C PHE A 290 -14.04 11.85 -14.93
N LYS A 291 -14.59 11.57 -16.11
CA LYS A 291 -15.58 12.47 -16.69
C LYS A 291 -16.82 12.50 -15.81
N ASP A 292 -17.19 11.35 -15.24
CA ASP A 292 -18.35 11.27 -14.37
C ASP A 292 -18.12 12.11 -13.12
N ILE A 293 -16.89 12.10 -12.62
CA ILE A 293 -16.54 12.87 -11.44
C ILE A 293 -16.69 14.36 -11.72
N ALA A 294 -16.26 14.77 -12.91
CA ALA A 294 -16.37 16.17 -13.31
C ALA A 294 -17.85 16.54 -13.39
N SER A 295 -18.64 15.65 -13.99
CA SER A 295 -20.08 15.87 -14.14
C SER A 295 -20.77 15.95 -12.79
N THR A 296 -20.35 15.09 -11.86
CA THR A 296 -20.93 15.08 -10.52
C THR A 296 -20.62 16.39 -9.82
N LEU A 297 -19.39 16.87 -9.99
CA LEU A 297 -18.97 18.12 -9.36
C LEU A 297 -19.77 19.30 -9.93
N ASN A 298 -20.06 19.26 -11.21
CA ASN A 298 -20.82 20.33 -11.84
C ASN A 298 -22.27 20.38 -11.40
N LYS A 299 -22.83 19.22 -11.04
CA LYS A 299 -24.22 19.16 -10.59
C LYS A 299 -24.38 19.59 -9.13
N ALA A 300 -23.32 19.41 -8.35
CA ALA A 300 -23.35 19.78 -6.93
C ALA A 300 -23.45 21.29 -6.73
N LYS A 301 -24.51 21.72 -6.05
CA LYS A 301 -24.72 23.15 -5.79
C LYS A 301 -24.64 23.46 -4.30
N SER A 302 -24.59 22.41 -3.48
CA SER A 302 -24.53 22.56 -2.04
C SER A 302 -23.67 21.46 -1.44
N ILE A 303 -23.07 21.75 -0.28
CA ILE A 303 -22.22 20.77 0.38
C ILE A 303 -22.88 20.32 1.69
N VAL A 304 -22.72 19.04 2.01
CA VAL A 304 -23.30 18.50 3.24
C VAL A 304 -22.24 18.55 4.34
N GLY A 305 -22.63 19.01 5.51
CA GLY A 305 -21.70 19.10 6.62
C GLY A 305 -21.13 20.49 6.72
N THR A 306 -20.29 20.72 7.73
CA THR A 306 -19.67 22.02 7.93
C THR A 306 -18.17 21.92 8.17
N THR A 307 -17.55 20.87 7.62
CA THR A 307 -16.12 20.66 7.78
C THR A 307 -15.32 21.45 6.75
N ALA A 308 -15.94 21.75 5.61
CA ALA A 308 -15.28 22.49 4.55
C ALA A 308 -16.32 23.14 3.63
N SER A 309 -15.88 24.11 2.84
CA SER A 309 -16.80 24.78 1.93
C SER A 309 -16.91 23.99 0.63
N LEU A 310 -18.00 24.18 -0.09
CA LEU A 310 -18.20 23.50 -1.36
C LEU A 310 -17.08 23.92 -2.31
N GLN A 311 -16.73 25.20 -2.26
CA GLN A 311 -15.67 25.74 -3.11
C GLN A 311 -14.35 25.04 -2.82
N TYR A 312 -14.04 24.84 -1.53
CA TYR A 312 -12.80 24.19 -1.16
C TYR A 312 -12.78 22.73 -1.64
N MET A 313 -13.88 22.02 -1.43
CA MET A 313 -13.93 20.62 -1.84
C MET A 313 -13.88 20.46 -3.35
N LYS A 314 -14.52 21.37 -4.09
CA LYS A 314 -14.49 21.26 -5.53
C LYS A 314 -13.04 21.46 -6.01
N ASN A 315 -12.33 22.39 -5.37
CA ASN A 315 -10.94 22.64 -5.73
C ASN A 315 -10.08 21.45 -5.34
N VAL A 316 -10.42 20.80 -4.23
CA VAL A 316 -9.69 19.63 -3.76
C VAL A 316 -9.68 18.55 -4.83
N PHE A 317 -10.85 18.30 -5.41
CA PHE A 317 -10.95 17.27 -6.43
C PHE A 317 -10.46 17.77 -7.78
N LYS A 318 -10.44 19.09 -7.97
CA LYS A 318 -9.94 19.66 -9.22
C LYS A 318 -8.45 19.33 -9.25
N GLU A 319 -7.81 19.53 -8.12
CA GLU A 319 -6.38 19.26 -7.98
C GLU A 319 -6.08 17.77 -8.02
N LYS A 320 -6.92 16.98 -7.37
CA LYS A 320 -6.70 15.53 -7.34
C LYS A 320 -6.69 14.95 -8.73
N TYR A 321 -7.74 15.22 -9.48
CA TYR A 321 -7.92 14.69 -10.83
C TYR A 321 -7.37 15.59 -11.94
N LEU A 322 -6.75 16.71 -11.56
CA LEU A 322 -6.18 17.65 -12.53
C LEU A 322 -7.23 18.07 -13.57
N LEU A 323 -8.43 18.37 -13.10
CA LEU A 323 -9.51 18.78 -13.99
C LEU A 323 -9.29 20.19 -14.51
N SER A 324 -9.97 20.51 -15.61
CA SER A 324 -9.89 21.83 -16.20
C SER A 324 -11.12 22.60 -15.76
N GLU A 325 -10.94 23.87 -15.43
CA GLU A 325 -12.04 24.71 -14.99
C GLU A 325 -12.19 25.86 -15.98
N ASP A 326 -13.20 25.79 -16.83
CA ASP A 326 -13.42 26.81 -17.85
C ASP A 326 -13.98 28.13 -17.32
N THR A 327 -14.26 29.05 -18.25
CA THR A 327 -14.79 30.36 -17.92
C THR A 327 -16.09 30.27 -17.14
N SER A 328 -16.95 29.33 -17.54
CA SER A 328 -18.23 29.14 -16.88
C SER A 328 -18.08 28.42 -15.54
N GLY A 329 -16.83 28.28 -15.09
CA GLY A 329 -16.57 27.61 -13.82
C GLY A 329 -16.85 26.12 -13.86
N LYS A 330 -17.14 25.61 -15.05
CA LYS A 330 -17.43 24.19 -15.21
C LYS A 330 -16.16 23.35 -15.21
N PHE A 331 -16.26 22.13 -14.71
CA PHE A 331 -15.12 21.23 -14.67
C PHE A 331 -15.23 20.24 -15.82
N SER A 332 -14.09 19.89 -16.38
CA SER A 332 -14.03 18.93 -17.48
C SER A 332 -12.70 18.21 -17.40
N VAL A 333 -12.61 17.07 -18.06
CA VAL A 333 -11.38 16.29 -18.06
C VAL A 333 -10.61 16.52 -19.35
N ASP A 334 -9.38 16.98 -19.23
CA ASP A 334 -8.53 17.21 -20.39
C ASP A 334 -7.81 15.90 -20.69
N LYS A 335 -7.92 15.44 -21.93
CA LYS A 335 -7.30 14.17 -22.33
C LYS A 335 -5.81 14.11 -22.01
N LEU A 336 -5.08 15.17 -22.32
CA LEU A 336 -3.65 15.21 -22.05
C LEU A 336 -3.33 15.13 -20.56
N LYS A 337 -4.08 15.88 -19.77
CA LYS A 337 -3.87 15.88 -18.31
C LYS A 337 -4.24 14.52 -17.74
N PHE A 338 -5.29 13.90 -18.26
CA PHE A 338 -5.70 12.59 -17.78
C PHE A 338 -4.61 11.56 -18.09
N ASP A 339 -4.16 11.53 -19.34
CA ASP A 339 -3.13 10.57 -19.71
C ASP A 339 -1.87 10.76 -18.87
N LYS A 340 -1.52 12.01 -18.61
CA LYS A 340 -0.34 12.34 -17.82
C LYS A 340 -0.47 11.79 -16.39
N LEU A 341 -1.62 12.01 -15.77
CA LEU A 341 -1.85 11.54 -14.41
C LEU A 341 -1.98 10.02 -14.36
N TYR A 342 -2.73 9.47 -15.31
CA TYR A 342 -2.94 8.02 -15.37
C TYR A 342 -1.60 7.32 -15.54
N LYS A 343 -0.78 7.86 -16.44
CA LYS A 343 0.54 7.28 -16.70
C LYS A 343 1.45 7.42 -15.49
N MET A 344 1.37 8.56 -14.80
CA MET A 344 2.18 8.78 -13.62
C MET A 344 1.89 7.71 -12.58
N LEU A 345 0.60 7.54 -12.29
CA LEU A 345 0.15 6.57 -11.30
C LEU A 345 0.38 5.11 -11.66
N THR A 346 0.38 4.80 -12.96
CA THR A 346 0.52 3.42 -13.40
C THR A 346 1.86 2.99 -14.00
N GLU A 347 2.60 3.92 -14.58
CA GLU A 347 3.88 3.62 -15.20
C GLU A 347 5.10 4.23 -14.53
N ILE A 348 4.92 5.39 -13.91
CA ILE A 348 6.05 6.02 -13.24
C ILE A 348 6.19 5.40 -11.86
N TYR A 349 5.08 5.25 -11.15
CA TYR A 349 5.14 4.64 -9.82
C TYR A 349 5.06 3.11 -9.93
N THR A 350 6.21 2.46 -9.99
CA THR A 350 6.26 1.02 -10.10
C THR A 350 7.37 0.48 -9.22
N GLU A 351 7.27 -0.79 -8.84
CA GLU A 351 8.29 -1.40 -8.01
C GLU A 351 9.64 -1.33 -8.69
N ASP A 352 9.65 -1.67 -9.98
CA ASP A 352 10.90 -1.68 -10.73
C ASP A 352 11.57 -0.31 -10.68
N ASN A 353 10.80 0.77 -10.79
CA ASN A 353 11.42 2.09 -10.73
C ASN A 353 11.94 2.41 -9.34
N PHE A 354 11.25 1.97 -8.30
CA PHE A 354 11.73 2.23 -6.95
C PHE A 354 13.07 1.53 -6.72
N VAL A 355 13.24 0.35 -7.31
CA VAL A 355 14.49 -0.38 -7.17
C VAL A 355 15.63 0.46 -7.74
N LYS A 356 15.35 1.13 -8.86
CA LYS A 356 16.37 1.97 -9.48
C LYS A 356 16.74 3.15 -8.59
N PHE A 357 15.75 3.69 -7.89
CA PHE A 357 16.00 4.83 -7.01
C PHE A 357 16.73 4.45 -5.72
N PHE A 358 16.37 3.31 -5.14
CA PHE A 358 17.02 2.86 -3.91
C PHE A 358 18.37 2.24 -4.16
N LYS A 359 18.63 1.84 -5.40
CA LYS A 359 19.89 1.21 -5.76
C LYS A 359 20.07 -0.06 -4.92
N VAL A 360 19.05 -0.92 -4.92
CA VAL A 360 19.11 -2.17 -4.17
C VAL A 360 18.92 -3.35 -5.11
N LEU A 361 19.24 -4.55 -4.62
CA LEU A 361 19.04 -5.75 -5.43
C LEU A 361 17.60 -6.14 -5.09
N ASN A 362 16.86 -6.65 -6.07
CA ASN A 362 15.45 -6.98 -5.85
C ASN A 362 15.08 -8.05 -6.87
N ARG A 363 13.94 -8.70 -6.66
CA ARG A 363 13.48 -9.70 -7.63
C ARG A 363 13.38 -8.95 -8.96
N LYS A 364 13.70 -9.62 -10.07
CA LYS A 364 13.67 -9.00 -11.40
C LYS A 364 12.29 -9.06 -12.03
N THR A 365 11.42 -9.87 -11.45
CA THR A 365 10.07 -10.04 -11.96
C THR A 365 9.16 -10.45 -10.82
N TYR A 366 7.87 -10.21 -10.99
CA TYR A 366 6.85 -10.56 -10.01
C TYR A 366 6.56 -12.05 -10.17
N LEU A 367 6.88 -12.57 -11.36
CA LEU A 367 6.64 -13.96 -11.72
C LEU A 367 7.78 -14.90 -11.31
N ASN A 368 8.08 -14.90 -10.01
CA ASN A 368 9.14 -15.76 -9.49
C ASN A 368 8.56 -16.64 -8.37
N PHE A 369 9.43 -17.14 -7.51
CA PHE A 369 9.03 -17.97 -6.37
C PHE A 369 9.84 -17.55 -5.16
N ASP A 370 9.19 -17.06 -4.12
CA ASP A 370 9.90 -16.65 -2.90
C ASP A 370 10.67 -17.84 -2.34
N LYS A 371 11.83 -17.57 -1.75
CA LYS A 371 12.67 -18.63 -1.19
C LYS A 371 12.52 -18.80 0.32
N ALA A 372 12.37 -17.69 1.03
CA ALA A 372 12.25 -17.76 2.48
C ALA A 372 11.77 -16.45 3.10
N VAL A 373 11.54 -16.49 4.40
CA VAL A 373 11.15 -15.30 5.14
C VAL A 373 12.11 -15.17 6.31
N PHE A 374 12.57 -13.94 6.54
CA PHE A 374 13.53 -13.62 7.60
C PHE A 374 12.98 -12.64 8.60
N LYS A 375 13.41 -12.78 9.85
CA LYS A 375 13.04 -11.82 10.88
C LYS A 375 14.14 -10.78 10.78
N ILE A 376 13.78 -9.50 10.87
CA ILE A 376 14.76 -8.43 10.79
C ILE A 376 14.41 -7.33 11.77
N ASN A 377 15.32 -6.38 11.92
CA ASN A 377 15.10 -5.23 12.80
C ASN A 377 15.80 -4.04 12.16
N ILE A 378 15.03 -3.19 11.48
CA ILE A 378 15.60 -2.04 10.80
C ILE A 378 15.63 -0.75 11.61
N VAL A 379 15.18 -0.80 12.86
CA VAL A 379 15.15 0.40 13.69
C VAL A 379 16.54 0.93 14.07
N PRO A 380 17.46 0.04 14.49
CA PRO A 380 18.80 0.50 14.86
C PRO A 380 19.55 1.03 13.64
N LYS A 381 20.12 2.23 13.75
CA LYS A 381 20.86 2.80 12.63
C LYS A 381 22.08 1.98 12.26
N VAL A 382 22.52 1.12 13.18
CA VAL A 382 23.67 0.27 12.90
C VAL A 382 23.24 -0.90 12.01
N ASN A 383 21.93 -1.04 11.82
CA ASN A 383 21.40 -2.12 10.99
C ASN A 383 20.83 -1.65 9.65
N TYR A 384 20.18 -0.50 9.67
CA TYR A 384 19.52 0.00 8.46
C TYR A 384 19.34 1.51 8.57
N THR A 385 19.51 2.21 7.46
CA THR A 385 19.32 3.65 7.51
C THR A 385 18.37 4.14 6.42
N ILE A 386 17.84 5.33 6.64
CA ILE A 386 16.93 5.94 5.69
C ILE A 386 17.58 6.05 4.32
N TYR A 387 18.86 6.41 4.31
CA TYR A 387 19.57 6.62 3.06
C TYR A 387 20.19 5.41 2.36
N ASP A 388 20.64 4.41 3.11
CA ASP A 388 21.26 3.25 2.48
C ASP A 388 20.59 1.91 2.74
N GLY A 389 19.51 1.90 3.49
CA GLY A 389 18.87 0.63 3.79
C GLY A 389 19.89 -0.23 4.53
N PHE A 390 20.03 -1.48 4.11
CA PHE A 390 20.99 -2.41 4.73
C PHE A 390 22.43 -2.19 4.25
N ASN A 391 22.57 -1.61 3.07
CA ASN A 391 23.88 -1.39 2.44
C ASN A 391 24.58 -0.14 2.95
N LEU A 392 24.92 -0.15 4.24
CA LEU A 392 25.54 0.99 4.91
C LEU A 392 26.84 1.47 4.28
N ARG A 393 26.86 2.76 3.94
CA ARG A 393 28.03 3.38 3.33
C ARG A 393 29.23 3.34 4.28
N ASN A 394 30.43 3.36 3.69
CA ASN A 394 31.67 3.35 4.46
C ASN A 394 31.81 2.17 5.40
N THR A 395 31.28 1.02 4.97
CA THR A 395 31.38 -0.22 5.73
C THR A 395 31.51 -1.33 4.69
N ASN A 396 31.72 -2.56 5.16
CA ASN A 396 31.87 -3.70 4.27
C ASN A 396 30.54 -4.04 3.59
N LEU A 397 29.47 -3.42 4.05
CA LEU A 397 28.14 -3.67 3.49
C LEU A 397 27.74 -2.66 2.42
N ALA A 398 28.59 -1.68 2.16
CA ALA A 398 28.28 -0.65 1.18
C ALA A 398 28.24 -1.13 -0.27
N ALA A 399 29.18 -1.98 -0.65
CA ALA A 399 29.27 -2.45 -2.03
C ALA A 399 28.63 -3.80 -2.32
N ASN A 400 28.30 -3.99 -3.59
CA ASN A 400 27.74 -5.22 -4.11
C ASN A 400 26.52 -5.71 -3.34
N PHE A 401 25.75 -4.79 -2.78
CA PHE A 401 24.56 -5.13 -2.02
C PHE A 401 24.89 -6.08 -0.87
N ASN A 402 26.11 -5.96 -0.33
CA ASN A 402 26.53 -6.82 0.77
C ASN A 402 25.59 -6.77 1.98
N GLY A 403 24.97 -5.62 2.21
CA GLY A 403 24.04 -5.49 3.32
C GLY A 403 22.82 -6.37 3.14
N GLN A 404 22.42 -6.58 1.89
CA GLN A 404 21.26 -7.41 1.59
C GLN A 404 21.65 -8.89 1.49
N ASN A 405 22.94 -9.16 1.46
CA ASN A 405 23.47 -10.51 1.37
C ASN A 405 23.30 -11.12 2.76
N THR A 406 22.35 -12.04 2.92
CA THR A 406 22.09 -12.63 4.23
C THR A 406 23.22 -13.52 4.74
N GLU A 407 24.14 -13.89 3.86
CA GLU A 407 25.26 -14.72 4.26
C GLU A 407 26.39 -13.86 4.82
N ILE A 408 26.60 -12.71 4.21
CA ILE A 408 27.65 -11.78 4.66
C ILE A 408 27.17 -11.01 5.87
N ASN A 409 25.95 -10.47 5.78
CA ASN A 409 25.36 -9.68 6.85
C ASN A 409 24.36 -10.56 7.61
N ASN A 410 24.81 -11.75 7.99
CA ASN A 410 23.97 -12.72 8.69
C ASN A 410 23.41 -12.28 10.05
N MET A 411 24.09 -11.36 10.72
CA MET A 411 23.62 -10.90 12.02
C MET A 411 22.33 -10.08 11.94
N ASN A 412 21.96 -9.67 10.72
CA ASN A 412 20.76 -8.89 10.51
C ASN A 412 19.56 -9.69 10.04
N PHE A 413 19.73 -11.01 9.90
CA PHE A 413 18.65 -11.87 9.43
C PHE A 413 18.57 -13.20 10.15
N THR A 414 17.34 -13.61 10.47
CA THR A 414 17.11 -14.90 11.11
C THR A 414 16.09 -15.58 10.22
N LYS A 415 16.50 -16.63 9.52
CA LYS A 415 15.55 -17.32 8.64
C LYS A 415 14.53 -18.06 9.48
N LEU A 416 13.26 -17.79 9.21
CA LEU A 416 12.17 -18.40 9.96
C LEU A 416 11.55 -19.59 9.24
N LYS A 417 11.51 -19.53 7.91
CA LYS A 417 10.91 -20.59 7.13
C LYS A 417 11.41 -20.58 5.70
N ASN A 418 11.58 -21.76 5.13
CA ASN A 418 12.02 -21.88 3.75
C ASN A 418 10.79 -22.29 2.94
N PHE A 419 10.62 -21.69 1.77
CA PHE A 419 9.48 -21.99 0.92
C PHE A 419 9.83 -22.92 -0.24
N THR A 420 11.10 -22.93 -0.63
CA THR A 420 11.54 -23.76 -1.75
C THR A 420 11.20 -25.23 -1.57
N GLY A 421 10.65 -25.81 -2.64
CA GLY A 421 10.28 -27.22 -2.62
C GLY A 421 8.88 -27.47 -2.08
N LEU A 422 8.30 -26.46 -1.44
CA LEU A 422 6.98 -26.59 -0.85
C LEU A 422 5.85 -26.12 -1.77
N PHE A 423 6.21 -25.73 -2.99
CA PHE A 423 5.20 -25.29 -3.95
C PHE A 423 4.66 -26.52 -4.69
N ARG B 1 0.05 -6.84 -3.14
CA ARG B 1 0.15 -8.25 -2.69
C ARG B 1 1.21 -8.95 -3.50
N ARG B 2 1.74 -10.05 -2.98
CA ARG B 2 2.71 -10.82 -3.74
C ARG B 2 1.95 -12.10 -4.10
N PHE B 3 2.45 -12.85 -5.07
CA PHE B 3 1.77 -14.06 -5.50
C PHE B 3 2.46 -15.31 -5.00
N CYS B 4 3.57 -15.67 -5.65
CA CYS B 4 4.31 -16.85 -5.24
C CYS B 4 5.46 -16.45 -4.33
N NH2 B 5 5.15 -15.52 -3.36
ZN ZN C . 0.80 -6.53 -5.16
S SO4 D . 4.15 18.87 -14.73
O1 SO4 D . 2.89 18.43 -14.10
O2 SO4 D . 4.24 20.35 -14.69
O3 SO4 D . 5.28 18.28 -13.98
O4 SO4 D . 4.19 18.43 -16.13
S SO4 E . -14.20 -1.89 -4.35
O1 SO4 E . -14.43 -0.70 -3.52
O2 SO4 E . -13.11 -2.70 -3.77
O3 SO4 E . -15.44 -2.69 -4.38
O4 SO4 E . -13.85 -1.51 -5.75
S SO4 F . -8.98 -6.46 -4.71
O1 SO4 F . -9.61 -5.39 -5.51
O2 SO4 F . -8.57 -5.93 -3.41
O3 SO4 F . -9.94 -7.56 -4.52
O4 SO4 F . -7.79 -6.95 -5.44
NA NA G . 2.81 -19.79 -6.26
#